data_3ESI
#
_entry.id   3ESI
#
_cell.length_a   71.141
_cell.length_b   71.141
_cell.length_c   146.603
_cell.angle_alpha   90.00
_cell.angle_beta   90.00
_cell.angle_gamma   90.00
#
_symmetry.space_group_name_H-M   'P 41'
#
loop_
_entity.id
_entity.type
_entity.pdbx_description
1 polymer 'uncharacterized protein'
2 water water
#
_entity_poly.entity_id   1
_entity_poly.type   'polypeptide(L)'
_entity_poly.pdbx_seq_one_letter_code
;MLPVELVRHDVKKTDETSQVELMLQVDPDLFWFNGHFTGQPLLPGVAQLDWVMHYATTVLAQGWTFLSIENIKFQQPILP
GKTLRLVLIWHAGKQSLTFSYSILEGDTERTASSGKIKLTPIMEDNPCQ
;
_entity_poly.pdbx_strand_id   A,B,C,D
#
# COMPACT_ATOMS: atom_id res chain seq x y z
N MET A 1 1.49 15.39 9.91
CA MET A 1 2.30 14.15 10.16
C MET A 1 2.27 13.57 11.59
N LEU A 2 2.29 14.42 12.60
CA LEU A 2 2.25 13.93 13.98
C LEU A 2 0.85 13.91 14.55
N PRO A 3 0.63 13.13 15.62
CA PRO A 3 -0.70 13.06 16.23
C PRO A 3 -0.91 14.23 17.19
N VAL A 4 -2.16 14.51 17.53
CA VAL A 4 -2.44 15.56 18.49
C VAL A 4 -2.26 14.93 19.88
N GLU A 5 -1.46 15.57 20.73
CA GLU A 5 -1.20 15.05 22.08
C GLU A 5 -2.29 15.52 23.05
N LEU A 6 -3.12 14.58 23.49
CA LEU A 6 -4.21 14.92 24.41
C LEU A 6 -3.70 15.09 25.82
N VAL A 7 -3.05 14.04 26.33
CA VAL A 7 -2.49 14.05 27.68
C VAL A 7 -1.19 13.29 27.67
N ARG A 8 -0.24 13.72 28.50
CA ARG A 8 1.04 13.05 28.65
C ARG A 8 1.24 12.81 30.14
N HIS A 9 1.12 11.57 30.56
CA HIS A 9 1.31 11.29 31.96
C HIS A 9 2.78 11.44 32.34
N ASP A 10 3.04 11.50 33.64
CA ASP A 10 4.41 11.64 34.13
C ASP A 10 5.10 10.31 33.98
N VAL A 11 6.43 10.35 33.91
CA VAL A 11 7.21 9.14 33.77
C VAL A 11 7.21 8.33 35.07
N LYS A 12 6.90 7.04 34.95
CA LYS A 12 6.89 6.13 36.08
C LYS A 12 8.17 5.32 36.14
N LYS A 13 9.20 5.83 36.81
CA LYS A 13 10.46 5.10 36.90
C LYS A 13 10.41 4.00 37.95
N THR A 14 10.91 2.82 37.60
CA THR A 14 10.98 1.71 38.54
C THR A 14 12.48 1.40 38.62
N ASP A 15 12.84 0.12 38.68
CA ASP A 15 14.25 -0.22 38.76
C ASP A 15 15.03 0.19 37.52
N GLU A 16 14.75 -0.47 36.41
CA GLU A 16 15.43 -0.19 35.14
C GLU A 16 14.47 0.26 34.04
N THR A 17 13.20 -0.12 34.17
CA THR A 17 12.18 0.23 33.17
C THR A 17 11.46 1.54 33.45
N SER A 18 11.36 2.39 32.43
CA SER A 18 10.66 3.66 32.52
C SER A 18 9.35 3.52 31.74
N GLN A 19 8.37 4.34 32.06
CA GLN A 19 7.09 4.28 31.38
C GLN A 19 6.46 5.64 31.21
N VAL A 20 5.77 5.81 30.08
CA VAL A 20 5.07 7.04 29.79
C VAL A 20 3.82 6.64 29.03
N GLU A 21 2.70 7.24 29.41
CA GLU A 21 1.45 6.94 28.77
C GLU A 21 0.92 8.20 28.13
N LEU A 22 0.57 8.11 26.85
CA LEU A 22 0.04 9.27 26.15
C LEU A 22 -1.34 8.99 25.61
N MET A 23 -2.14 10.04 25.52
CA MET A 23 -3.47 9.90 24.94
C MET A 23 -3.26 10.72 23.68
N LEU A 24 -3.48 10.12 22.53
CA LEU A 24 -3.28 10.81 21.25
C LEU A 24 -4.53 10.81 20.38
N GLN A 25 -4.64 11.82 19.54
CA GLN A 25 -5.78 11.89 18.64
C GLN A 25 -5.25 11.82 17.22
N VAL A 26 -5.81 10.89 16.46
CA VAL A 26 -5.42 10.70 15.07
C VAL A 26 -6.21 11.68 14.22
N ASP A 27 -5.58 12.80 13.90
CA ASP A 27 -6.18 13.86 13.13
C ASP A 27 -6.52 13.50 11.68
N PRO A 28 -7.81 13.62 11.31
CA PRO A 28 -8.32 13.31 9.97
C PRO A 28 -7.61 14.10 8.87
N ASP A 29 -6.92 15.17 9.24
CA ASP A 29 -6.22 16.00 8.26
C ASP A 29 -4.75 15.64 8.05
N LEU A 30 -4.31 14.54 8.64
CA LEU A 30 -2.92 14.11 8.47
C LEU A 30 -2.67 13.63 7.04
N PHE A 31 -1.49 13.95 6.51
CA PHE A 31 -1.15 13.55 5.15
C PHE A 31 -1.32 12.06 4.93
N TRP A 32 -1.25 11.30 6.03
CA TRP A 32 -1.41 9.85 5.99
C TRP A 32 -2.76 9.45 5.43
N PHE A 33 -3.73 10.36 5.48
CA PHE A 33 -5.06 10.05 5.02
C PHE A 33 -5.52 10.80 3.78
N ASN A 34 -4.63 11.59 3.18
CA ASN A 34 -5.01 12.35 2.00
C ASN A 34 -5.57 11.53 0.83
N GLY A 35 -6.77 11.90 0.40
CA GLY A 35 -7.42 11.23 -0.72
C GLY A 35 -6.55 11.01 -1.94
N HIS A 36 -5.56 11.87 -2.15
CA HIS A 36 -4.67 11.75 -3.29
C HIS A 36 -3.71 10.58 -3.17
N PHE A 37 -3.61 10.02 -1.98
CA PHE A 37 -2.69 8.90 -1.76
C PHE A 37 -3.37 7.57 -1.50
N THR A 38 -4.53 7.60 -0.85
CA THR A 38 -5.21 6.34 -0.52
C THR A 38 -6.72 6.50 -0.38
N GLY A 39 -7.46 5.46 -0.77
CA GLY A 39 -8.90 5.49 -0.65
C GLY A 39 -9.37 4.74 0.58
N GLN A 40 -8.48 3.93 1.16
CA GLN A 40 -8.81 3.16 2.36
C GLN A 40 -7.87 3.68 3.44
N PRO A 41 -8.14 4.88 3.94
CA PRO A 41 -7.26 5.44 4.96
C PRO A 41 -7.19 4.71 6.30
N LEU A 42 -5.95 4.48 6.72
CA LEU A 42 -5.64 3.86 8.00
C LEU A 42 -4.20 4.23 8.31
N LEU A 43 -3.88 4.32 9.60
CA LEU A 43 -2.54 4.69 10.03
C LEU A 43 -1.53 3.58 9.70
N PRO A 44 -0.70 3.77 8.66
CA PRO A 44 0.29 2.76 8.30
C PRO A 44 1.35 2.50 9.36
N GLY A 45 2.03 1.37 9.22
CA GLY A 45 3.07 0.97 10.15
C GLY A 45 4.21 1.97 10.27
N VAL A 46 4.60 2.63 9.19
CA VAL A 46 5.71 3.58 9.32
C VAL A 46 5.36 4.69 10.27
N ALA A 47 4.12 5.17 10.20
CA ALA A 47 3.69 6.24 11.07
C ALA A 47 3.61 5.76 12.52
N GLN A 48 3.09 4.56 12.70
CA GLN A 48 2.99 4.03 14.05
C GLN A 48 4.37 3.91 14.68
N LEU A 49 5.34 3.43 13.92
CA LEU A 49 6.70 3.28 14.42
C LEU A 49 7.31 4.66 14.68
N ASP A 50 7.16 5.55 13.71
CA ASP A 50 7.69 6.90 13.81
C ASP A 50 7.23 7.59 15.09
N TRP A 51 5.92 7.59 15.34
CA TRP A 51 5.40 8.20 16.55
C TRP A 51 6.01 7.54 17.77
N VAL A 52 6.12 6.21 17.75
CA VAL A 52 6.71 5.50 18.89
C VAL A 52 8.13 6.01 19.13
N MET A 53 8.90 6.12 18.05
CA MET A 53 10.28 6.58 18.16
C MET A 53 10.43 8.03 18.62
N HIS A 54 9.56 8.92 18.16
CA HIS A 54 9.65 10.33 18.57
C HIS A 54 9.41 10.50 20.07
N TYR A 55 8.37 9.86 20.60
CA TYR A 55 8.07 9.96 22.01
C TYR A 55 9.08 9.20 22.87
N ALA A 56 9.47 8.02 22.41
CA ALA A 56 10.42 7.21 23.18
C ALA A 56 11.78 7.86 23.37
N THR A 57 12.27 8.61 22.38
CA THR A 57 13.58 9.23 22.52
C THR A 57 13.57 10.66 23.05
N THR A 58 12.40 11.27 23.15
CA THR A 58 12.35 12.63 23.68
C THR A 58 11.94 12.59 25.16
N VAL A 59 11.40 11.46 25.59
CA VAL A 59 10.92 11.32 26.96
C VAL A 59 11.55 10.18 27.79
N LEU A 60 12.05 9.13 27.15
CA LEU A 60 12.64 8.04 27.92
C LEU A 60 14.12 7.77 27.65
N ALA A 61 14.49 7.63 26.38
CA ALA A 61 15.86 7.34 26.01
C ALA A 61 16.44 8.45 25.15
N GLN A 62 16.67 9.59 25.78
CA GLN A 62 17.19 10.77 25.10
C GLN A 62 18.43 10.56 24.23
N GLY A 63 19.39 9.79 24.73
CA GLY A 63 20.60 9.57 23.95
C GLY A 63 20.61 8.30 23.13
N TRP A 64 19.45 7.81 22.74
CA TRP A 64 19.39 6.58 21.95
C TRP A 64 18.65 6.74 20.62
N THR A 65 18.77 5.73 19.77
CA THR A 65 18.09 5.73 18.48
C THR A 65 17.79 4.30 18.04
N PHE A 66 16.96 4.23 17.01
CA PHE A 66 16.53 2.95 16.45
C PHE A 66 17.68 2.08 15.95
N LEU A 67 17.58 0.78 16.18
CA LEU A 67 18.56 -0.18 15.68
C LEU A 67 17.75 -1.18 14.86
N SER A 68 16.76 -1.80 15.48
CA SER A 68 15.93 -2.77 14.78
C SER A 68 14.60 -3.09 15.46
N ILE A 69 13.71 -3.68 14.68
CA ILE A 69 12.38 -4.07 15.13
C ILE A 69 12.45 -5.55 15.52
N GLU A 70 12.43 -5.85 16.81
CA GLU A 70 12.48 -7.24 17.22
C GLU A 70 11.18 -7.93 16.82
N ASN A 71 10.07 -7.23 16.97
CA ASN A 71 8.77 -7.79 16.57
C ASN A 71 7.65 -6.76 16.67
N ILE A 72 6.80 -6.75 15.66
CA ILE A 72 5.67 -5.83 15.60
C ILE A 72 4.44 -6.68 15.32
N LYS A 73 3.28 -6.20 15.73
CA LYS A 73 2.06 -6.96 15.53
C LYS A 73 0.87 -5.99 15.40
N PHE A 74 0.27 -5.96 14.22
CA PHE A 74 -0.87 -5.09 13.97
C PHE A 74 -2.15 -5.90 14.10
N GLN A 75 -2.91 -5.62 15.14
CA GLN A 75 -4.15 -6.37 15.39
C GLN A 75 -5.40 -5.64 14.92
N GLN A 76 -5.40 -4.32 15.00
CA GLN A 76 -6.57 -3.56 14.59
C GLN A 76 -6.14 -2.30 13.86
N PRO A 77 -6.78 -2.01 12.72
CA PRO A 77 -6.42 -0.80 11.96
C PRO A 77 -6.84 0.45 12.75
N ILE A 78 -6.09 1.52 12.57
CA ILE A 78 -6.36 2.77 13.25
C ILE A 78 -6.90 3.74 12.20
N LEU A 79 -8.18 4.11 12.34
CA LEU A 79 -8.81 5.01 11.38
C LEU A 79 -8.66 6.48 11.75
N PRO A 80 -8.90 7.37 10.78
CA PRO A 80 -8.79 8.81 11.01
C PRO A 80 -9.84 9.24 12.05
N GLY A 81 -9.44 10.12 12.97
CA GLY A 81 -10.36 10.59 14.00
C GLY A 81 -10.44 9.75 15.28
N LYS A 82 -9.61 8.72 15.41
CA LYS A 82 -9.64 7.88 16.62
C LYS A 82 -8.79 8.39 17.74
N THR A 83 -9.17 8.03 18.96
CA THR A 83 -8.42 8.43 20.16
C THR A 83 -7.62 7.21 20.58
N LEU A 84 -6.33 7.41 20.83
CA LEU A 84 -5.45 6.30 21.19
C LEU A 84 -4.68 6.46 22.50
N ARG A 85 -4.44 5.34 23.16
CA ARG A 85 -3.62 5.34 24.35
C ARG A 85 -2.31 4.69 23.87
N LEU A 86 -1.19 5.34 24.16
CA LEU A 86 0.11 4.84 23.78
C LEU A 86 0.93 4.60 25.03
N VAL A 87 1.32 3.36 25.26
CA VAL A 87 2.14 3.02 26.42
C VAL A 87 3.54 2.61 25.93
N LEU A 88 4.56 3.29 26.45
CA LEU A 88 5.97 3.03 26.12
C LEU A 88 6.71 2.59 27.38
N ILE A 89 7.40 1.45 27.31
CA ILE A 89 8.19 0.94 28.45
C ILE A 89 9.64 0.73 27.98
N TRP A 90 10.58 1.40 28.63
CA TRP A 90 11.97 1.24 28.23
C TRP A 90 12.90 0.65 29.28
N HIS A 91 13.51 -0.47 28.92
CA HIS A 91 14.44 -1.19 29.79
C HIS A 91 15.86 -0.96 29.25
N ALA A 92 16.54 0.06 29.75
CA ALA A 92 17.89 0.38 29.31
C ALA A 92 18.87 -0.78 29.47
N GLY A 93 18.53 -1.72 30.34
CA GLY A 93 19.39 -2.87 30.52
C GLY A 93 19.43 -3.68 29.24
N LYS A 94 18.31 -4.33 28.93
CA LYS A 94 18.20 -5.14 27.72
C LYS A 94 18.13 -4.26 26.46
N GLN A 95 18.17 -2.95 26.66
CA GLN A 95 18.09 -2.02 25.55
C GLN A 95 16.84 -2.29 24.68
N SER A 96 15.74 -2.64 25.34
CA SER A 96 14.49 -2.94 24.66
C SER A 96 13.38 -1.95 24.98
N LEU A 97 12.72 -1.49 23.93
CA LEU A 97 11.63 -0.54 24.06
C LEU A 97 10.38 -1.28 23.67
N THR A 98 9.44 -1.35 24.59
CA THR A 98 8.17 -2.02 24.36
C THR A 98 7.07 -0.96 24.20
N PHE A 99 6.22 -1.12 23.21
CA PHE A 99 5.15 -0.16 22.99
C PHE A 99 3.82 -0.85 22.80
N SER A 100 2.74 -0.10 23.02
CA SER A 100 1.41 -0.63 22.85
C SER A 100 0.40 0.47 22.52
N TYR A 101 -0.35 0.27 21.45
CA TYR A 101 -1.37 1.22 21.00
C TYR A 101 -2.74 0.62 21.23
N SER A 102 -3.64 1.40 21.82
CA SER A 102 -5.00 0.90 22.02
C SER A 102 -6.00 1.99 21.62
N ILE A 103 -7.10 1.57 21.01
CA ILE A 103 -8.15 2.46 20.56
C ILE A 103 -9.24 2.57 21.63
N LEU A 104 -9.56 3.81 22.01
CA LEU A 104 -10.61 4.03 23.02
C LEU A 104 -11.89 4.47 22.32
N GLU A 105 -12.94 3.68 22.48
CA GLU A 105 -14.26 3.98 21.91
C GLU A 105 -15.29 3.52 22.94
N GLY A 106 -16.24 4.40 23.27
CA GLY A 106 -17.23 4.04 24.26
C GLY A 106 -16.50 3.60 25.52
N ASP A 107 -16.89 2.46 26.07
CA ASP A 107 -16.25 1.96 27.28
C ASP A 107 -15.19 0.92 26.97
N THR A 108 -14.99 0.67 25.68
CA THR A 108 -14.01 -0.32 25.23
C THR A 108 -12.61 0.24 24.98
N GLU A 109 -11.64 -0.67 24.97
CA GLU A 109 -10.24 -0.34 24.71
C GLU A 109 -9.62 -1.57 24.09
N ARG A 110 -9.47 -1.56 22.76
CA ARG A 110 -8.88 -2.68 22.03
C ARG A 110 -7.41 -2.38 21.70
N THR A 111 -6.57 -3.42 21.68
CA THR A 111 -5.17 -3.23 21.33
C THR A 111 -5.14 -3.12 19.81
N ALA A 112 -4.42 -2.12 19.29
CA ALA A 112 -4.37 -1.95 17.84
C ALA A 112 -3.06 -2.51 17.29
N SER A 113 -1.99 -2.32 18.05
CA SER A 113 -0.69 -2.81 17.66
C SER A 113 0.24 -2.77 18.85
N SER A 114 1.27 -3.59 18.83
CA SER A 114 2.25 -3.62 19.91
C SER A 114 3.53 -4.19 19.36
N GLY A 115 4.63 -4.04 20.09
CA GLY A 115 5.87 -4.58 19.59
C GLY A 115 7.06 -4.26 20.44
N LYS A 116 8.20 -4.86 20.08
CA LYS A 116 9.44 -4.63 20.80
C LYS A 116 10.48 -4.13 19.82
N ILE A 117 11.18 -3.07 20.19
CA ILE A 117 12.18 -2.47 19.34
C ILE A 117 13.52 -2.43 20.10
N LYS A 118 14.61 -2.64 19.37
CA LYS A 118 15.93 -2.60 19.98
C LYS A 118 16.49 -1.23 19.65
N LEU A 119 17.10 -0.57 20.63
CA LEU A 119 17.70 0.75 20.40
C LEU A 119 19.21 0.68 20.69
N THR A 120 19.96 1.66 20.24
CA THR A 120 21.41 1.67 20.47
C THR A 120 21.89 3.07 20.84
N PRO A 121 22.96 3.15 21.65
CA PRO A 121 23.49 4.46 22.03
C PRO A 121 23.79 5.28 20.77
N ILE A 122 23.60 6.59 20.85
CA ILE A 122 23.85 7.49 19.72
C ILE A 122 25.35 7.82 19.62
N MET A 123 25.96 7.40 18.51
CA MET A 123 27.38 7.60 18.27
C MET A 123 28.14 6.70 19.25
N GLU A 124 27.52 5.58 19.65
CA GLU A 124 28.13 4.66 20.60
C GLU A 124 29.55 4.28 20.22
N MET B 1 13.40 9.53 8.69
CA MET B 1 12.22 9.89 7.86
C MET B 1 12.58 10.90 6.76
N LEU B 2 13.57 11.75 7.02
CA LEU B 2 13.98 12.74 6.03
C LEU B 2 15.02 12.17 5.07
N PRO B 3 15.23 12.83 3.93
CA PRO B 3 16.22 12.32 2.98
C PRO B 3 17.58 12.88 3.36
N VAL B 4 18.63 12.31 2.80
CA VAL B 4 19.97 12.80 3.05
C VAL B 4 20.16 13.96 2.06
N GLU B 5 20.38 15.17 2.60
CA GLU B 5 20.56 16.38 1.80
C GLU B 5 21.99 16.39 1.26
N LEU B 6 22.14 16.37 -0.05
CA LEU B 6 23.46 16.35 -0.68
C LEU B 6 23.95 17.74 -1.03
N VAL B 7 23.11 18.50 -1.73
CA VAL B 7 23.46 19.85 -2.13
C VAL B 7 22.23 20.76 -2.05
N ARG B 8 22.43 21.99 -1.59
CA ARG B 8 21.33 22.95 -1.51
C ARG B 8 21.76 24.25 -2.19
N HIS B 9 21.41 24.41 -3.47
CA HIS B 9 21.75 25.61 -4.20
C HIS B 9 21.08 26.81 -3.55
N ASP B 10 21.46 28.01 -3.99
CA ASP B 10 20.92 29.24 -3.41
C ASP B 10 19.56 29.59 -3.99
N VAL B 11 18.78 30.34 -3.24
CA VAL B 11 17.47 30.76 -3.68
C VAL B 11 17.60 31.64 -4.93
N LYS B 12 16.79 31.36 -5.94
CA LYS B 12 16.79 32.13 -7.17
C LYS B 12 15.52 32.96 -7.30
N LYS B 13 15.59 34.23 -6.92
CA LYS B 13 14.43 35.10 -7.00
C LYS B 13 14.23 35.72 -8.38
N THR B 14 12.97 36.00 -8.72
CA THR B 14 12.62 36.65 -9.97
C THR B 14 11.50 37.62 -9.57
N ASP B 15 10.58 37.91 -10.49
CA ASP B 15 9.47 38.83 -10.23
C ASP B 15 8.67 38.49 -8.97
N GLU B 16 7.97 37.36 -9.00
CA GLU B 16 7.16 36.94 -7.86
C GLU B 16 7.35 35.47 -7.51
N THR B 17 8.48 34.89 -7.90
CA THR B 17 8.75 33.49 -7.61
C THR B 17 10.05 33.33 -6.83
N SER B 18 10.15 32.22 -6.12
CA SER B 18 11.32 31.86 -5.35
C SER B 18 11.59 30.41 -5.72
N GLN B 19 12.80 30.13 -6.19
CA GLN B 19 13.15 28.78 -6.58
C GLN B 19 14.28 28.26 -5.70
N VAL B 20 14.30 26.95 -5.52
CA VAL B 20 15.35 26.32 -4.74
C VAL B 20 15.50 24.93 -5.32
N GLU B 21 16.75 24.52 -5.53
CA GLU B 21 17.06 23.22 -6.10
C GLU B 21 17.85 22.44 -5.05
N LEU B 22 17.53 21.16 -4.90
CA LEU B 22 18.24 20.32 -3.94
C LEU B 22 18.56 18.97 -4.56
N MET B 23 19.66 18.39 -4.11
CA MET B 23 20.01 17.07 -4.56
C MET B 23 19.83 16.28 -3.28
N LEU B 24 18.99 15.25 -3.32
CA LEU B 24 18.74 14.44 -2.13
C LEU B 24 19.13 13.00 -2.37
N GLN B 25 19.36 12.26 -1.30
CA GLN B 25 19.70 10.85 -1.42
C GLN B 25 18.66 10.10 -0.60
N VAL B 26 17.99 9.15 -1.25
CA VAL B 26 16.97 8.36 -0.58
C VAL B 26 17.63 7.18 0.09
N ASP B 27 17.94 7.40 1.35
CA ASP B 27 18.57 6.45 2.25
C ASP B 27 17.78 5.15 2.36
N PRO B 28 18.43 4.00 2.14
CA PRO B 28 17.78 2.68 2.21
C PRO B 28 17.32 2.36 3.62
N ASP B 29 17.85 3.06 4.61
CA ASP B 29 17.49 2.80 5.99
C ASP B 29 16.24 3.55 6.47
N LEU B 30 15.61 4.31 5.59
CA LEU B 30 14.40 5.03 6.01
C LEU B 30 13.29 4.07 6.48
N PHE B 31 12.50 4.50 7.45
CA PHE B 31 11.42 3.65 7.94
C PHE B 31 10.44 3.32 6.81
N TRP B 32 10.39 4.21 5.82
CA TRP B 32 9.51 4.04 4.67
C TRP B 32 9.76 2.71 3.97
N PHE B 33 10.97 2.18 4.11
CA PHE B 33 11.30 0.94 3.43
C PHE B 33 11.44 -0.28 4.33
N ASN B 34 11.22 -0.13 5.64
CA ASN B 34 11.37 -1.27 6.53
C ASN B 34 10.67 -2.54 6.06
N GLY B 35 11.44 -3.63 6.02
CA GLY B 35 10.90 -4.91 5.59
C GLY B 35 9.64 -5.35 6.32
N HIS B 36 9.44 -4.89 7.55
CA HIS B 36 8.25 -5.27 8.30
C HIS B 36 7.01 -4.59 7.75
N PHE B 37 7.18 -3.52 6.98
CA PHE B 37 6.00 -2.84 6.47
C PHE B 37 5.75 -3.08 4.99
N THR B 38 6.74 -3.57 4.26
CA THR B 38 6.56 -3.82 2.83
C THR B 38 7.64 -4.69 2.23
N GLY B 39 7.31 -5.32 1.11
CA GLY B 39 8.26 -6.17 0.41
C GLY B 39 8.68 -5.50 -0.88
N GLN B 40 7.85 -4.58 -1.36
CA GLN B 40 8.14 -3.82 -2.56
C GLN B 40 8.38 -2.39 -2.09
N PRO B 41 9.60 -2.11 -1.61
CA PRO B 41 9.90 -0.75 -1.14
C PRO B 41 9.92 0.34 -2.21
N LEU B 42 9.21 1.43 -1.91
CA LEU B 42 9.16 2.62 -2.76
C LEU B 42 8.73 3.84 -1.95
N LEU B 43 9.21 5.01 -2.34
CA LEU B 43 8.91 6.24 -1.63
C LEU B 43 7.47 6.64 -1.88
N PRO B 44 6.62 6.51 -0.86
CA PRO B 44 5.21 6.87 -1.01
C PRO B 44 4.96 8.37 -1.17
N GLY B 45 3.76 8.71 -1.62
CA GLY B 45 3.39 10.10 -1.82
C GLY B 45 3.41 10.94 -0.56
N VAL B 46 2.98 10.37 0.56
CA VAL B 46 2.99 11.13 1.80
C VAL B 46 4.39 11.61 2.06
N ALA B 47 5.36 10.74 1.80
CA ALA B 47 6.75 11.07 2.01
C ALA B 47 7.20 12.13 1.01
N GLN B 48 6.84 11.95 -0.25
CA GLN B 48 7.21 12.91 -1.27
C GLN B 48 6.60 14.28 -0.96
N LEU B 49 5.37 14.28 -0.42
CA LEU B 49 4.70 15.53 -0.06
C LEU B 49 5.32 16.11 1.20
N ASP B 50 5.48 15.28 2.21
CA ASP B 50 6.09 15.70 3.46
C ASP B 50 7.44 16.41 3.21
N TRP B 51 8.28 15.83 2.35
CA TRP B 51 9.58 16.45 2.08
C TRP B 51 9.36 17.78 1.34
N VAL B 52 8.46 17.80 0.37
CA VAL B 52 8.20 19.04 -0.37
C VAL B 52 7.81 20.17 0.58
N MET B 53 6.90 19.87 1.50
CA MET B 53 6.43 20.86 2.47
C MET B 53 7.53 21.33 3.43
N HIS B 54 8.37 20.40 3.90
CA HIS B 54 9.44 20.73 4.83
C HIS B 54 10.45 21.74 4.28
N TYR B 55 10.97 21.50 3.07
CA TYR B 55 11.93 22.40 2.47
C TYR B 55 11.26 23.71 2.09
N ALA B 56 10.08 23.61 1.47
CA ALA B 56 9.35 24.80 1.06
C ALA B 56 9.15 25.81 2.18
N THR B 57 8.60 25.36 3.30
CA THR B 57 8.33 26.29 4.39
C THR B 57 9.54 26.72 5.21
N THR B 58 10.67 26.04 5.03
CA THR B 58 11.88 26.40 5.77
C THR B 58 12.85 27.18 4.89
N VAL B 59 12.61 27.15 3.59
CA VAL B 59 13.48 27.85 2.66
C VAL B 59 12.80 28.91 1.83
N LEU B 60 11.50 28.75 1.58
CA LEU B 60 10.81 29.71 0.73
C LEU B 60 9.64 30.46 1.37
N ALA B 61 8.71 29.72 1.98
CA ALA B 61 7.53 30.33 2.60
C ALA B 61 7.50 30.07 4.09
N GLN B 62 8.42 30.69 4.81
CA GLN B 62 8.54 30.51 6.24
C GLN B 62 7.24 30.65 7.05
N GLY B 63 6.43 31.65 6.72
CA GLY B 63 5.20 31.82 7.48
C GLY B 63 3.96 31.19 6.87
N TRP B 64 4.14 30.14 6.08
CA TRP B 64 3.01 29.49 5.44
C TRP B 64 2.90 28.00 5.75
N THR B 65 1.74 27.43 5.41
CA THR B 65 1.50 26.01 5.61
C THR B 65 0.55 25.46 4.57
N PHE B 66 0.47 24.15 4.52
CA PHE B 66 -0.38 23.44 3.59
C PHE B 66 -1.86 23.80 3.70
N LEU B 67 -2.52 23.91 2.55
CA LEU B 67 -3.96 24.15 2.51
C LEU B 67 -4.53 22.99 1.72
N SER B 68 -4.06 22.83 0.47
CA SER B 68 -4.53 21.74 -0.38
C SER B 68 -3.62 21.38 -1.56
N ILE B 69 -3.86 20.21 -2.11
CA ILE B 69 -3.13 19.69 -3.25
C ILE B 69 -3.93 20.03 -4.50
N GLU B 70 -3.48 21.00 -5.28
CA GLU B 70 -4.21 21.34 -6.50
C GLU B 70 -4.09 20.19 -7.50
N ASN B 71 -2.90 19.58 -7.57
CA ASN B 71 -2.69 18.45 -8.47
C ASN B 71 -1.32 17.80 -8.26
N ILE B 72 -1.31 16.47 -8.26
CA ILE B 72 -0.08 15.72 -8.08
C ILE B 72 -0.06 14.71 -9.20
N LYS B 73 1.13 14.26 -9.58
CA LYS B 73 1.26 13.30 -10.67
C LYS B 73 2.52 12.45 -10.45
N PHE B 74 2.31 11.16 -10.23
CA PHE B 74 3.42 10.24 -10.01
C PHE B 74 3.71 9.51 -11.32
N GLN B 75 4.86 9.81 -11.93
CA GLN B 75 5.22 9.19 -13.20
C GLN B 75 6.19 8.03 -13.06
N GLN B 76 7.09 8.12 -12.09
CA GLN B 76 8.05 7.05 -11.89
C GLN B 76 8.25 6.76 -10.41
N PRO B 77 8.26 5.48 -10.03
CA PRO B 77 8.45 5.15 -8.61
C PRO B 77 9.88 5.48 -8.22
N ILE B 78 10.06 5.85 -6.95
CA ILE B 78 11.36 6.19 -6.40
C ILE B 78 11.79 5.04 -5.50
N LEU B 79 12.85 4.35 -5.88
CA LEU B 79 13.34 3.21 -5.12
C LEU B 79 14.37 3.60 -4.06
N PRO B 80 14.61 2.70 -3.10
CA PRO B 80 15.59 2.96 -2.04
C PRO B 80 16.97 3.10 -2.66
N GLY B 81 17.76 4.07 -2.17
CA GLY B 81 19.10 4.27 -2.69
C GLY B 81 19.24 5.17 -3.93
N LYS B 82 18.15 5.80 -4.36
CA LYS B 82 18.22 6.68 -5.53
C LYS B 82 18.61 8.11 -5.20
N THR B 83 19.19 8.78 -6.17
CA THR B 83 19.59 10.18 -6.00
C THR B 83 18.55 11.02 -6.72
N LEU B 84 18.02 12.02 -6.04
CA LEU B 84 16.98 12.87 -6.61
C LEU B 84 17.27 14.37 -6.65
N ARG B 85 16.76 15.02 -7.69
CA ARG B 85 16.86 16.46 -7.79
C ARG B 85 15.44 16.95 -7.43
N LEU B 86 15.34 17.89 -6.49
CA LEU B 86 14.06 18.43 -6.08
C LEU B 86 14.04 19.91 -6.37
N VAL B 87 13.14 20.33 -7.26
CA VAL B 87 12.98 21.74 -7.59
C VAL B 87 11.66 22.27 -7.02
N LEU B 88 11.75 23.32 -6.21
CA LEU B 88 10.60 23.98 -5.59
C LEU B 88 10.49 25.44 -6.09
N ILE B 89 9.32 25.83 -6.60
CA ILE B 89 9.09 27.18 -7.09
C ILE B 89 7.89 27.75 -6.34
N TRP B 90 8.07 28.87 -5.64
CA TRP B 90 6.97 29.47 -4.90
C TRP B 90 6.56 30.87 -5.35
N HIS B 91 5.30 30.98 -5.75
CA HIS B 91 4.71 32.23 -6.21
C HIS B 91 3.76 32.72 -5.12
N ALA B 92 4.27 33.57 -4.22
CA ALA B 92 3.47 34.10 -3.11
C ALA B 92 2.22 34.84 -3.60
N GLY B 93 2.24 35.28 -4.86
CA GLY B 93 1.09 35.98 -5.40
C GLY B 93 -0.09 35.03 -5.45
N LYS B 94 -0.01 34.06 -6.35
CA LYS B 94 -1.07 33.06 -6.52
C LYS B 94 -1.07 32.08 -5.36
N GLN B 95 -0.14 32.26 -4.42
CA GLN B 95 -0.03 31.35 -3.28
C GLN B 95 0.10 29.88 -3.72
N SER B 96 0.83 29.67 -4.82
CA SER B 96 1.04 28.34 -5.39
C SER B 96 2.49 27.87 -5.29
N LEU B 97 2.66 26.64 -4.82
CA LEU B 97 3.96 26.04 -4.69
C LEU B 97 4.03 24.94 -5.71
N THR B 98 5.00 25.03 -6.60
CA THR B 98 5.19 24.03 -7.63
C THR B 98 6.43 23.21 -7.28
N PHE B 99 6.35 21.89 -7.41
CA PHE B 99 7.49 21.04 -7.10
C PHE B 99 7.73 20.03 -8.19
N SER B 100 8.96 19.52 -8.25
CA SER B 100 9.32 18.52 -9.23
C SER B 100 10.45 17.61 -8.75
N TYR B 101 10.22 16.31 -8.82
CA TYR B 101 11.22 15.33 -8.41
C TYR B 101 11.75 14.61 -9.64
N SER B 102 13.08 14.48 -9.73
CA SER B 102 13.64 13.75 -10.86
C SER B 102 14.75 12.82 -10.35
N ILE B 103 14.81 11.64 -10.94
CA ILE B 103 15.80 10.63 -10.59
C ILE B 103 17.02 10.74 -11.48
N LEU B 104 18.20 10.83 -10.86
CA LEU B 104 19.46 10.91 -11.62
C LEU B 104 20.15 9.55 -11.62
N GLU B 105 20.33 8.98 -12.80
CA GLU B 105 21.01 7.70 -12.99
C GLU B 105 21.82 7.82 -14.27
N GLY B 106 23.10 7.47 -14.21
CA GLY B 106 23.92 7.58 -15.40
C GLY B 106 23.83 9.01 -15.90
N ASP B 107 23.60 9.17 -17.21
CA ASP B 107 23.50 10.50 -17.78
C ASP B 107 22.05 10.95 -17.92
N THR B 108 21.14 10.09 -17.46
CA THR B 108 19.72 10.38 -17.55
C THR B 108 19.13 11.10 -16.33
N GLU B 109 17.98 11.72 -16.56
CA GLU B 109 17.24 12.42 -15.52
C GLU B 109 15.77 12.33 -15.88
N ARG B 110 15.05 11.41 -15.24
CA ARG B 110 13.61 11.24 -15.49
C ARG B 110 12.79 11.94 -14.41
N THR B 111 11.62 12.44 -14.79
CA THR B 111 10.75 13.08 -13.80
C THR B 111 10.06 11.95 -13.07
N ALA B 112 10.02 12.01 -11.75
CA ALA B 112 9.39 10.95 -10.97
C ALA B 112 8.00 11.39 -10.52
N SER B 113 7.88 12.66 -10.16
CA SER B 113 6.61 13.20 -9.73
C SER B 113 6.68 14.71 -9.76
N SER B 114 5.52 15.35 -9.84
CA SER B 114 5.45 16.80 -9.85
C SER B 114 4.05 17.21 -9.44
N GLY B 115 3.87 18.47 -9.09
CA GLY B 115 2.54 18.89 -8.71
C GLY B 115 2.47 20.31 -8.23
N LYS B 116 1.24 20.77 -8.00
CA LYS B 116 1.01 22.13 -7.51
C LYS B 116 0.25 22.05 -6.20
N ILE B 117 0.72 22.80 -5.21
CA ILE B 117 0.10 22.80 -3.91
C ILE B 117 -0.30 24.23 -3.54
N LYS B 118 -1.43 24.38 -2.86
CA LYS B 118 -1.87 25.70 -2.44
C LYS B 118 -1.47 25.82 -0.97
N LEU B 119 -0.94 26.96 -0.57
CA LEU B 119 -0.53 27.19 0.82
C LEU B 119 -1.32 28.39 1.37
N THR B 120 -1.36 28.52 2.70
CA THR B 120 -2.08 29.62 3.31
C THR B 120 -1.28 30.26 4.45
N PRO B 121 -1.44 31.57 4.65
CA PRO B 121 -0.74 32.30 5.71
C PRO B 121 -1.05 31.64 7.05
N ILE B 122 -0.02 31.39 7.85
CA ILE B 122 -0.21 30.75 9.16
C ILE B 122 -0.79 31.75 10.12
N MET B 123 -1.84 31.34 10.82
CA MET B 123 -2.53 32.22 11.77
C MET B 123 -2.97 33.49 11.04
N GLU B 124 -3.58 33.31 9.87
CA GLU B 124 -4.06 34.45 9.07
C GLU B 124 -5.55 34.60 9.28
N MET C 1 -6.95 -16.47 -4.06
CA MET C 1 -7.50 -15.17 -4.54
C MET C 1 -9.00 -14.93 -4.28
N LEU C 2 -9.82 -15.97 -4.43
CA LEU C 2 -11.26 -15.82 -4.19
C LEU C 2 -11.62 -16.06 -2.73
N PRO C 3 -12.78 -15.55 -2.30
CA PRO C 3 -13.18 -15.75 -0.91
C PRO C 3 -13.83 -17.12 -0.79
N VAL C 4 -13.93 -17.61 0.43
CA VAL C 4 -14.60 -18.89 0.65
C VAL C 4 -16.10 -18.57 0.74
N GLU C 5 -16.87 -19.19 -0.15
CA GLU C 5 -18.32 -18.99 -0.21
C GLU C 5 -19.01 -19.86 0.83
N LEU C 6 -19.66 -19.22 1.81
CA LEU C 6 -20.34 -19.95 2.88
C LEU C 6 -21.80 -20.21 2.56
N VAL C 7 -22.51 -19.15 2.17
CA VAL C 7 -23.92 -19.26 1.83
C VAL C 7 -24.28 -18.40 0.62
N ARG C 8 -25.13 -18.92 -0.26
CA ARG C 8 -25.57 -18.16 -1.42
C ARG C 8 -27.10 -18.21 -1.54
N HIS C 9 -27.76 -17.18 -1.03
CA HIS C 9 -29.22 -17.13 -1.10
C HIS C 9 -29.68 -17.05 -2.53
N ASP C 10 -31.00 -17.18 -2.74
CA ASP C 10 -31.57 -17.15 -4.09
C ASP C 10 -31.69 -15.73 -4.62
N VAL C 11 -31.74 -15.61 -5.94
CA VAL C 11 -31.88 -14.30 -6.55
C VAL C 11 -33.26 -13.75 -6.20
N LYS C 12 -33.30 -12.49 -5.75
CA LYS C 12 -34.56 -11.85 -5.38
C LYS C 12 -34.98 -10.80 -6.41
N LYS C 13 -35.78 -11.20 -7.39
CA LYS C 13 -36.22 -10.26 -8.41
C LYS C 13 -37.39 -9.38 -7.96
N THR C 14 -37.27 -8.08 -8.16
CA THR C 14 -38.35 -7.15 -7.84
C THR C 14 -38.81 -6.60 -9.18
N ASP C 15 -39.32 -5.38 -9.17
CA ASP C 15 -39.82 -4.73 -10.38
C ASP C 15 -38.74 -4.35 -11.40
N GLU C 16 -37.73 -3.60 -10.97
CA GLU C 16 -36.66 -3.16 -11.88
C GLU C 16 -35.26 -3.64 -11.48
N THR C 17 -35.15 -4.25 -10.30
CA THR C 17 -33.86 -4.71 -9.81
C THR C 17 -33.75 -6.22 -9.67
N SER C 18 -32.53 -6.69 -9.50
CA SER C 18 -32.20 -8.09 -9.32
C SER C 18 -31.26 -8.09 -8.10
N GLN C 19 -31.37 -9.07 -7.21
CA GLN C 19 -30.54 -9.11 -6.01
C GLN C 19 -30.02 -10.51 -5.62
N VAL C 20 -28.85 -10.54 -5.00
CA VAL C 20 -28.27 -11.79 -4.53
C VAL C 20 -27.46 -11.46 -3.28
N GLU C 21 -27.54 -12.32 -2.28
CA GLU C 21 -26.86 -12.13 -1.01
C GLU C 21 -25.92 -13.30 -0.75
N LEU C 22 -24.70 -13.01 -0.34
CA LEU C 22 -23.73 -14.07 -0.06
C LEU C 22 -23.06 -13.86 1.29
N MET C 23 -22.66 -14.97 1.89
CA MET C 23 -21.95 -14.91 3.15
C MET C 23 -20.59 -15.43 2.71
N LEU C 24 -19.55 -14.63 2.91
CA LEU C 24 -18.21 -15.02 2.49
C LEU C 24 -17.29 -15.11 3.69
N GLN C 25 -16.20 -15.85 3.53
CA GLN C 25 -15.21 -15.98 4.59
C GLN C 25 -13.87 -15.56 3.96
N VAL C 26 -13.23 -14.56 4.58
CA VAL C 26 -11.96 -14.09 4.10
C VAL C 26 -10.85 -14.96 4.66
N ASP C 27 -10.49 -15.96 3.88
CA ASP C 27 -9.44 -16.94 4.20
C ASP C 27 -8.10 -16.27 4.46
N PRO C 28 -7.50 -16.55 5.62
CA PRO C 28 -6.19 -15.98 6.00
C PRO C 28 -5.09 -16.36 5.03
N ASP C 29 -5.30 -17.41 4.26
CA ASP C 29 -4.27 -17.85 3.32
C ASP C 29 -4.26 -17.17 1.95
N LEU C 30 -5.17 -16.23 1.72
CA LEU C 30 -5.20 -15.54 0.44
C LEU C 30 -3.87 -14.84 0.15
N PHE C 31 -3.52 -14.74 -1.13
CA PHE C 31 -2.27 -14.08 -1.49
C PHE C 31 -2.29 -12.63 -1.04
N TRP C 32 -3.49 -12.08 -0.95
CA TRP C 32 -3.67 -10.69 -0.54
C TRP C 32 -3.02 -10.43 0.81
N PHE C 33 -2.77 -11.47 1.58
CA PHE C 33 -2.20 -11.28 2.90
C PHE C 33 -0.80 -11.82 3.08
N ASN C 34 -0.21 -12.39 2.02
CA ASN C 34 1.13 -12.95 2.17
C ASN C 34 2.13 -12.02 2.84
N GLY C 35 2.79 -12.54 3.89
CA GLY C 35 3.77 -11.77 4.63
C GLY C 35 4.82 -11.10 3.78
N HIS C 36 5.15 -11.68 2.62
CA HIS C 36 6.15 -11.07 1.74
C HIS C 36 5.65 -9.81 1.06
N PHE C 37 4.35 -9.55 1.10
CA PHE C 37 3.85 -8.35 0.45
C PHE C 37 3.39 -7.29 1.44
N THR C 38 3.08 -7.69 2.67
CA THR C 38 2.62 -6.70 3.66
C THR C 38 2.77 -7.15 5.10
N GLY C 39 2.82 -6.16 5.99
CA GLY C 39 2.94 -6.42 7.42
C GLY C 39 1.60 -6.14 8.09
N GLN C 40 0.80 -5.29 7.46
CA GLN C 40 -0.55 -4.97 7.96
C GLN C 40 -1.51 -5.52 6.93
N PRO C 41 -1.86 -6.80 7.05
CA PRO C 41 -2.79 -7.41 6.09
C PRO C 41 -4.23 -6.89 6.16
N LEU C 42 -4.75 -6.52 4.99
CA LEU C 42 -6.13 -6.04 4.85
C LEU C 42 -6.59 -6.21 3.40
N LEU C 43 -7.84 -6.60 3.22
CA LEU C 43 -8.40 -6.83 1.89
C LEU C 43 -8.46 -5.52 1.14
N PRO C 44 -7.59 -5.35 0.13
CA PRO C 44 -7.59 -4.10 -0.64
C PRO C 44 -8.80 -3.91 -1.53
N GLY C 45 -8.96 -2.69 -2.03
CA GLY C 45 -10.06 -2.36 -2.92
C GLY C 45 -10.08 -3.17 -4.19
N VAL C 46 -8.91 -3.42 -4.76
CA VAL C 46 -8.88 -4.21 -5.98
C VAL C 46 -9.54 -5.54 -5.72
N ALA C 47 -9.26 -6.13 -4.56
CA ALA C 47 -9.84 -7.41 -4.19
C ALA C 47 -11.34 -7.26 -3.96
N GLN C 48 -11.75 -6.26 -3.20
CA GLN C 48 -13.17 -6.05 -2.93
C GLN C 48 -13.95 -5.85 -4.24
N LEU C 49 -13.39 -5.08 -5.17
CA LEU C 49 -14.06 -4.84 -6.45
C LEU C 49 -14.09 -6.11 -7.30
N ASP C 50 -12.95 -6.77 -7.39
CA ASP C 50 -12.85 -8.01 -8.15
C ASP C 50 -13.91 -9.02 -7.74
N TRP C 51 -14.12 -9.21 -6.43
CA TRP C 51 -15.12 -10.17 -5.97
C TRP C 51 -16.50 -9.68 -6.38
N VAL C 52 -16.77 -8.39 -6.16
CA VAL C 52 -18.07 -7.83 -6.53
C VAL C 52 -18.39 -8.12 -8.00
N MET C 53 -17.42 -7.86 -8.87
CA MET C 53 -17.60 -8.09 -10.29
C MET C 53 -17.80 -9.56 -10.65
N HIS C 54 -17.08 -10.46 -9.96
CA HIS C 54 -17.19 -11.89 -10.22
C HIS C 54 -18.58 -12.48 -9.95
N TYR C 55 -19.11 -12.23 -8.76
CA TYR C 55 -20.42 -12.75 -8.41
C TYR C 55 -21.50 -12.07 -9.21
N ALA C 56 -21.36 -10.76 -9.38
CA ALA C 56 -22.33 -9.98 -10.14
C ALA C 56 -22.53 -10.51 -11.56
N THR C 57 -21.44 -10.70 -12.27
CA THR C 57 -21.54 -11.15 -13.66
C THR C 57 -21.83 -12.63 -13.86
N THR C 58 -21.76 -13.43 -12.80
CA THR C 58 -22.04 -14.85 -12.93
C THR C 58 -23.39 -15.19 -12.31
N VAL C 59 -23.95 -14.25 -11.55
CA VAL C 59 -25.23 -14.47 -10.90
C VAL C 59 -26.32 -13.51 -11.32
N LEU C 60 -25.96 -12.29 -11.72
CA LEU C 60 -26.96 -11.31 -12.08
C LEU C 60 -26.92 -10.78 -13.50
N ALA C 61 -25.75 -10.33 -13.94
CA ALA C 61 -25.60 -9.76 -15.28
C ALA C 61 -24.63 -10.57 -16.11
N GLN C 62 -25.04 -11.79 -16.46
CA GLN C 62 -24.20 -12.69 -17.24
C GLN C 62 -23.55 -12.11 -18.49
N GLY C 63 -24.29 -11.33 -19.26
CA GLY C 63 -23.70 -10.78 -20.48
C GLY C 63 -23.15 -9.37 -20.34
N TRP C 64 -22.73 -8.99 -19.14
CA TRP C 64 -22.19 -7.65 -18.92
C TRP C 64 -20.80 -7.63 -18.33
N THR C 65 -20.17 -6.47 -18.36
CA THR C 65 -18.83 -6.29 -17.80
C THR C 65 -18.65 -4.88 -17.30
N PHE C 66 -17.57 -4.70 -16.55
CA PHE C 66 -17.22 -3.42 -15.96
C PHE C 66 -17.04 -2.29 -17.00
N LEU C 67 -17.50 -1.10 -16.65
CA LEU C 67 -17.32 0.08 -17.48
C LEU C 67 -16.60 1.08 -16.58
N SER C 68 -17.23 1.42 -15.46
CA SER C 68 -16.63 2.37 -14.53
C SER C 68 -17.20 2.33 -13.10
N ILE C 69 -16.44 2.93 -12.20
CA ILE C 69 -16.80 3.02 -10.79
C ILE C 69 -17.48 4.37 -10.58
N GLU C 70 -18.79 4.39 -10.40
CA GLU C 70 -19.46 5.66 -10.18
C GLU C 70 -19.06 6.21 -8.81
N ASN C 71 -18.94 5.34 -7.82
CA ASN C 71 -18.53 5.75 -6.48
C ASN C 71 -18.29 4.56 -5.55
N ILE C 72 -17.20 4.64 -4.79
CA ILE C 72 -16.84 3.59 -3.85
C ILE C 72 -16.59 4.29 -2.53
N LYS C 73 -16.75 3.56 -1.43
CA LYS C 73 -16.55 4.15 -0.12
C LYS C 73 -16.11 3.07 0.86
N PHE C 74 -14.89 3.19 1.36
CA PHE C 74 -14.34 2.23 2.30
C PHE C 74 -14.48 2.79 3.72
N GLN C 75 -15.36 2.19 4.51
CA GLN C 75 -15.61 2.66 5.87
C GLN C 75 -14.86 1.87 6.92
N GLN C 76 -14.70 0.58 6.71
CA GLN C 76 -14.00 -0.25 7.69
C GLN C 76 -13.09 -1.24 6.99
N PRO C 77 -11.85 -1.38 7.48
CA PRO C 77 -10.94 -2.33 6.85
C PRO C 77 -11.41 -3.76 7.12
N ILE C 78 -11.13 -4.65 6.18
CA ILE C 78 -11.51 -6.05 6.29
C ILE C 78 -10.24 -6.83 6.58
N LEU C 79 -10.15 -7.43 7.77
CA LEU C 79 -8.98 -8.20 8.16
C LEU C 79 -9.07 -9.66 7.78
N PRO C 80 -7.93 -10.36 7.80
CA PRO C 80 -7.87 -11.79 7.46
C PRO C 80 -8.70 -12.57 8.47
N GLY C 81 -9.48 -13.55 8.00
CA GLY C 81 -10.28 -14.36 8.91
C GLY C 81 -11.67 -13.83 9.26
N LYS C 82 -12.10 -12.74 8.63
CA LYS C 82 -13.43 -12.17 8.91
C LYS C 82 -14.53 -12.78 8.07
N THR C 83 -15.74 -12.75 8.61
CA THR C 83 -16.90 -13.27 7.91
C THR C 83 -17.66 -12.07 7.36
N LEU C 84 -17.98 -12.09 6.07
CA LEU C 84 -18.66 -10.96 5.43
C LEU C 84 -19.98 -11.28 4.75
N ARG C 85 -20.89 -10.31 4.78
CA ARG C 85 -22.16 -10.45 4.07
C ARG C 85 -21.97 -9.53 2.85
N LEU C 86 -22.23 -10.04 1.66
CA LEU C 86 -22.10 -9.27 0.44
C LEU C 86 -23.46 -9.18 -0.24
N VAL C 87 -23.97 -7.97 -0.36
CA VAL C 87 -25.25 -7.74 -1.03
C VAL C 87 -25.02 -7.04 -2.37
N LEU C 88 -25.51 -7.66 -3.45
CA LEU C 88 -25.41 -7.12 -4.81
C LEU C 88 -26.81 -6.84 -5.39
N ILE C 89 -27.05 -5.62 -5.86
CA ILE C 89 -28.33 -5.24 -6.44
C ILE C 89 -28.09 -4.73 -7.86
N TRP C 90 -28.70 -5.36 -8.86
CA TRP C 90 -28.50 -4.93 -10.23
C TRP C 90 -29.75 -4.43 -10.95
N HIS C 91 -29.68 -3.18 -11.39
CA HIS C 91 -30.77 -2.53 -12.10
C HIS C 91 -30.36 -2.42 -13.58
N ALA C 92 -30.73 -3.41 -14.38
CA ALA C 92 -30.40 -3.42 -15.81
C ALA C 92 -30.88 -2.18 -16.54
N GLY C 93 -31.88 -1.50 -15.98
CA GLY C 93 -32.39 -0.30 -16.60
C GLY C 93 -31.31 0.76 -16.62
N LYS C 94 -30.99 1.27 -15.44
CA LYS C 94 -29.95 2.29 -15.30
C LYS C 94 -28.57 1.70 -15.48
N GLN C 95 -28.51 0.39 -15.72
CA GLN C 95 -27.23 -0.30 -15.89
C GLN C 95 -26.29 -0.04 -14.68
N SER C 96 -26.88 0.01 -13.49
CA SER C 96 -26.13 0.26 -12.27
C SER C 96 -26.12 -0.94 -11.32
N LEU C 97 -24.91 -1.27 -10.84
CA LEU C 97 -24.74 -2.36 -9.92
C LEU C 97 -24.36 -1.76 -8.59
N THR C 98 -25.16 -2.04 -7.58
CA THR C 98 -24.91 -1.53 -6.25
C THR C 98 -24.43 -2.70 -5.39
N PHE C 99 -23.39 -2.46 -4.59
CA PHE C 99 -22.87 -3.51 -3.73
C PHE C 99 -22.66 -3.01 -2.32
N SER C 100 -22.63 -3.95 -1.37
CA SER C 100 -22.42 -3.60 0.02
C SER C 100 -21.75 -4.74 0.80
N TYR C 101 -20.65 -4.43 1.49
CA TYR C 101 -19.92 -5.41 2.29
C TYR C 101 -20.11 -5.09 3.76
N SER C 102 -20.42 -6.10 4.56
CA SER C 102 -20.55 -5.86 5.99
C SER C 102 -19.87 -6.99 6.75
N ILE C 103 -19.21 -6.62 7.86
CA ILE C 103 -18.48 -7.56 8.69
C ILE C 103 -19.38 -8.05 9.82
N LEU C 104 -19.48 -9.37 9.96
CA LEU C 104 -20.28 -9.97 11.04
C LEU C 104 -19.37 -10.45 12.16
N GLU C 105 -19.55 -9.87 13.34
CA GLU C 105 -18.79 -10.22 14.55
C GLU C 105 -19.77 -10.16 15.72
N GLY C 106 -19.82 -11.21 16.52
CA GLY C 106 -20.73 -11.20 17.64
C GLY C 106 -22.13 -10.94 17.10
N ASP C 107 -22.84 -10.01 17.73
CA ASP C 107 -24.20 -9.69 17.29
C ASP C 107 -24.21 -8.46 16.39
N THR C 108 -23.03 -7.93 16.13
CA THR C 108 -22.90 -6.73 15.30
C THR C 108 -22.71 -7.01 13.81
N GLU C 109 -22.99 -5.99 13.02
CA GLU C 109 -22.83 -6.03 11.58
C GLU C 109 -22.52 -4.61 11.12
N ARG C 110 -21.25 -4.32 10.87
CA ARG C 110 -20.83 -3.00 10.41
C ARG C 110 -20.62 -2.99 8.90
N THR C 111 -20.88 -1.86 8.25
CA THR C 111 -20.67 -1.77 6.82
C THR C 111 -19.17 -1.55 6.64
N ALA C 112 -18.55 -2.29 5.73
CA ALA C 112 -17.11 -2.15 5.51
C ALA C 112 -16.85 -1.30 4.28
N SER C 113 -17.67 -1.50 3.26
CA SER C 113 -17.53 -0.74 2.04
C SER C 113 -18.80 -0.88 1.21
N SER C 114 -19.03 0.07 0.32
CA SER C 114 -20.20 0.03 -0.54
C SER C 114 -19.92 0.90 -1.74
N GLY C 115 -20.73 0.76 -2.78
CA GLY C 115 -20.51 1.60 -3.94
C GLY C 115 -21.42 1.29 -5.10
N LYS C 116 -21.31 2.12 -6.14
CA LYS C 116 -22.11 1.93 -7.34
C LYS C 116 -21.17 1.80 -8.54
N ILE C 117 -21.42 0.81 -9.36
CA ILE C 117 -20.59 0.56 -10.52
C ILE C 117 -21.46 0.57 -11.78
N LYS C 118 -20.91 1.10 -12.87
CA LYS C 118 -21.66 1.12 -14.12
C LYS C 118 -21.14 -0.06 -14.94
N LEU C 119 -22.03 -0.81 -15.57
CA LEU C 119 -21.63 -1.95 -16.40
C LEU C 119 -22.10 -1.71 -17.84
N THR C 120 -21.55 -2.45 -18.80
CA THR C 120 -21.93 -2.29 -20.20
C THR C 120 -22.10 -3.64 -20.87
N PRO C 121 -23.04 -3.71 -21.82
CA PRO C 121 -23.29 -4.96 -22.55
C PRO C 121 -22.00 -5.39 -23.23
N ILE C 122 -21.65 -6.67 -23.10
CA ILE C 122 -20.43 -7.19 -23.70
C ILE C 122 -20.62 -7.31 -25.19
N MET C 123 -19.57 -7.02 -25.95
CA MET C 123 -19.64 -7.06 -27.41
C MET C 123 -20.87 -6.30 -27.89
N GLU C 124 -21.23 -5.22 -27.19
CA GLU C 124 -22.40 -4.42 -27.58
C GLU C 124 -21.99 -3.36 -28.56
N MET D 1 -8.11 -8.41 -14.65
CA MET D 1 -7.12 -8.86 -13.63
C MET D 1 -5.89 -9.56 -14.21
N LEU D 2 -6.04 -10.22 -15.35
CA LEU D 2 -4.92 -10.92 -15.97
C LEU D 2 -4.22 -10.09 -17.02
N PRO D 3 -2.96 -10.43 -17.33
CA PRO D 3 -2.25 -9.68 -18.34
C PRO D 3 -2.68 -10.12 -19.74
N VAL D 4 -2.41 -9.30 -20.74
CA VAL D 4 -2.73 -9.69 -22.11
C VAL D 4 -1.57 -10.61 -22.53
N GLU D 5 -1.89 -11.81 -23.02
CA GLU D 5 -0.88 -12.77 -23.45
C GLU D 5 -0.47 -12.46 -24.89
N LEU D 6 0.74 -11.93 -25.06
CA LEU D 6 1.22 -11.57 -26.39
C LEU D 6 1.69 -12.79 -27.16
N VAL D 7 2.60 -13.54 -26.55
CA VAL D 7 3.17 -14.74 -27.16
C VAL D 7 3.43 -15.78 -26.09
N ARG D 8 3.19 -17.04 -26.41
CA ARG D 8 3.45 -18.16 -25.50
C ARG D 8 4.32 -19.17 -26.23
N HIS D 9 5.59 -19.22 -25.88
CA HIS D 9 6.46 -20.17 -26.53
C HIS D 9 6.10 -21.59 -26.12
N ASP D 10 6.67 -22.57 -26.83
CA ASP D 10 6.41 -23.98 -26.55
C ASP D 10 7.19 -24.40 -25.33
N VAL D 11 6.71 -25.43 -24.64
CA VAL D 11 7.39 -25.92 -23.45
C VAL D 11 8.71 -26.59 -23.82
N LYS D 12 9.78 -26.22 -23.12
CA LYS D 12 11.11 -26.79 -23.36
C LYS D 12 11.48 -27.78 -22.26
N LYS D 13 11.09 -29.05 -22.43
CA LYS D 13 11.41 -30.07 -21.45
C LYS D 13 12.87 -30.51 -21.57
N THR D 14 13.55 -30.64 -20.44
CA THR D 14 14.93 -31.11 -20.43
C THR D 14 14.91 -32.33 -19.51
N ASP D 15 16.01 -32.58 -18.82
CA ASP D 15 16.06 -33.73 -17.92
C ASP D 15 14.99 -33.64 -16.83
N GLU D 16 15.16 -32.70 -15.90
CA GLU D 16 14.21 -32.54 -14.80
C GLU D 16 13.39 -31.25 -14.86
N THR D 17 13.99 -30.19 -15.42
CA THR D 17 13.30 -28.90 -15.50
C THR D 17 12.44 -28.75 -16.75
N SER D 18 11.26 -28.19 -16.56
CA SER D 18 10.30 -27.94 -17.62
C SER D 18 10.21 -26.40 -17.70
N GLN D 19 10.20 -25.84 -18.90
CA GLN D 19 10.16 -24.38 -19.02
C GLN D 19 9.14 -23.84 -20.01
N VAL D 20 8.87 -22.54 -19.89
CA VAL D 20 7.95 -21.85 -20.78
C VAL D 20 8.25 -20.37 -20.67
N GLU D 21 8.14 -19.67 -21.81
CA GLU D 21 8.40 -18.25 -21.85
C GLU D 21 7.21 -17.51 -22.42
N LEU D 22 6.74 -16.51 -21.70
CA LEU D 22 5.61 -15.74 -22.18
C LEU D 22 5.98 -14.28 -22.35
N MET D 23 5.32 -13.63 -23.30
CA MET D 23 5.53 -12.21 -23.50
C MET D 23 4.16 -11.71 -23.06
N LEU D 24 4.13 -10.75 -22.14
CA LEU D 24 2.84 -10.26 -21.64
C LEU D 24 2.71 -8.73 -21.70
N GLN D 25 1.49 -8.26 -21.84
CA GLN D 25 1.28 -6.82 -21.88
C GLN D 25 0.49 -6.47 -20.65
N VAL D 26 1.01 -5.50 -19.89
CA VAL D 26 0.37 -5.03 -18.68
C VAL D 26 -0.59 -3.91 -19.06
N ASP D 27 -1.84 -4.30 -19.27
CA ASP D 27 -2.90 -3.39 -19.69
C ASP D 27 -3.22 -2.28 -18.67
N PRO D 28 -3.18 -1.01 -19.12
CA PRO D 28 -3.45 0.19 -18.32
C PRO D 28 -4.82 0.19 -17.67
N ASP D 29 -5.73 -0.65 -18.15
CA ASP D 29 -7.07 -0.68 -17.60
C ASP D 29 -7.32 -1.72 -16.52
N LEU D 30 -6.27 -2.43 -16.10
CA LEU D 30 -6.41 -3.43 -15.05
C LEU D 30 -6.82 -2.76 -13.73
N PHE D 31 -7.68 -3.44 -12.98
CA PHE D 31 -8.16 -2.91 -11.69
C PHE D 31 -7.01 -2.55 -10.76
N TRP D 32 -5.86 -3.18 -10.99
CA TRP D 32 -4.67 -2.91 -10.19
C TRP D 32 -4.25 -1.46 -10.28
N PHE D 33 -4.66 -0.77 -11.35
CA PHE D 33 -4.27 0.61 -11.53
C PHE D 33 -5.41 1.62 -11.40
N ASN D 34 -6.57 1.17 -10.97
CA ASN D 34 -7.70 2.07 -10.84
C ASN D 34 -7.50 3.27 -9.89
N GLY D 35 -7.62 4.46 -10.45
CA GLY D 35 -7.48 5.69 -9.69
C GLY D 35 -8.13 5.70 -8.32
N HIS D 36 -9.24 4.97 -8.17
CA HIS D 36 -9.94 4.93 -6.89
C HIS D 36 -9.20 4.13 -5.83
N PHE D 37 -8.16 3.42 -6.24
CA PHE D 37 -7.40 2.63 -5.28
C PHE D 37 -6.01 3.17 -5.03
N THR D 38 -5.26 3.44 -6.09
CA THR D 38 -3.89 3.91 -5.95
C THR D 38 -3.56 5.14 -6.80
N GLY D 39 -2.73 6.02 -6.26
CA GLY D 39 -2.33 7.21 -6.99
C GLY D 39 -0.99 6.98 -7.70
N GLN D 40 -0.24 6.00 -7.21
CA GLN D 40 1.05 5.66 -7.81
C GLN D 40 0.88 4.24 -8.34
N PRO D 41 0.24 4.10 -9.49
CA PRO D 41 0.04 2.75 -10.01
C PRO D 41 1.28 1.96 -10.42
N LEU D 42 1.32 0.71 -9.94
CA LEU D 42 2.38 -0.22 -10.27
C LEU D 42 1.88 -1.61 -9.93
N LEU D 43 2.37 -2.61 -10.65
CA LEU D 43 1.94 -3.98 -10.45
C LEU D 43 2.44 -4.56 -9.12
N PRO D 44 1.54 -4.65 -8.11
CA PRO D 44 1.88 -5.18 -6.79
C PRO D 44 2.31 -6.65 -6.79
N GLY D 45 2.99 -7.02 -5.71
CA GLY D 45 3.46 -8.39 -5.56
C GLY D 45 2.39 -9.47 -5.64
N VAL D 46 1.21 -9.22 -5.10
CA VAL D 46 0.19 -10.26 -5.18
C VAL D 46 -0.11 -10.60 -6.63
N ALA D 47 -0.32 -9.58 -7.45
CA ALA D 47 -0.62 -9.80 -8.85
C ALA D 47 0.52 -10.52 -9.56
N GLN D 48 1.76 -10.09 -9.27
CA GLN D 48 2.90 -10.73 -9.89
C GLN D 48 2.93 -12.22 -9.54
N LEU D 49 2.62 -12.55 -8.29
CA LEU D 49 2.62 -13.94 -7.86
C LEU D 49 1.45 -14.71 -8.48
N ASP D 50 0.28 -14.10 -8.47
CA ASP D 50 -0.91 -14.72 -9.02
C ASP D 50 -0.72 -15.11 -10.47
N TRP D 51 -0.15 -14.22 -11.27
CA TRP D 51 0.10 -14.51 -12.68
C TRP D 51 1.10 -15.66 -12.80
N VAL D 52 2.15 -15.63 -11.97
CA VAL D 52 3.14 -16.70 -12.01
C VAL D 52 2.42 -18.03 -11.74
N MET D 53 1.61 -18.06 -10.68
CA MET D 53 0.89 -19.26 -10.32
C MET D 53 -0.09 -19.74 -11.40
N HIS D 54 -0.82 -18.81 -12.02
CA HIS D 54 -1.77 -19.19 -13.07
C HIS D 54 -1.09 -19.87 -14.25
N TYR D 55 -0.03 -19.27 -14.79
CA TYR D 55 0.65 -19.87 -15.92
C TYR D 55 1.42 -21.13 -15.52
N ALA D 56 2.05 -21.08 -14.36
CA ALA D 56 2.83 -22.23 -13.90
C ALA D 56 2.02 -23.52 -13.71
N THR D 57 0.77 -23.42 -13.24
CA THR D 57 -0.01 -24.64 -13.03
C THR D 57 -0.94 -25.05 -14.17
N THR D 58 -1.13 -24.18 -15.15
CA THR D 58 -1.98 -24.56 -16.27
C THR D 58 -1.11 -25.03 -17.42
N VAL D 59 0.20 -24.83 -17.30
CA VAL D 59 1.14 -25.19 -18.35
C VAL D 59 2.30 -26.12 -17.93
N LEU D 60 2.78 -26.02 -16.70
CA LEU D 60 3.89 -26.87 -16.29
C LEU D 60 3.55 -27.91 -15.22
N ALA D 61 2.93 -27.47 -14.14
CA ALA D 61 2.59 -28.37 -13.04
C ALA D 61 1.09 -28.43 -12.83
N GLN D 62 0.41 -29.05 -13.78
CA GLN D 62 -1.04 -29.17 -13.75
C GLN D 62 -1.66 -29.67 -12.44
N GLY D 63 -1.05 -30.69 -11.83
CA GLY D 63 -1.61 -31.21 -10.60
C GLY D 63 -0.99 -30.67 -9.33
N TRP D 64 -0.45 -29.45 -9.37
CA TRP D 64 0.17 -28.87 -8.19
C TRP D 64 -0.42 -27.51 -7.80
N THR D 65 -0.06 -27.05 -6.60
CA THR D 65 -0.51 -25.76 -6.12
C THR D 65 0.51 -25.16 -5.18
N PHE D 66 0.30 -23.89 -4.87
CA PHE D 66 1.18 -23.13 -4.00
C PHE D 66 1.32 -23.72 -2.60
N LEU D 67 2.53 -23.67 -2.05
CA LEU D 67 2.78 -24.12 -0.69
C LEU D 67 3.41 -22.93 0.01
N SER D 68 4.52 -22.44 -0.53
CA SER D 68 5.18 -21.28 0.06
C SER D 68 6.15 -20.57 -0.87
N ILE D 69 6.51 -19.35 -0.47
CA ILE D 69 7.44 -18.50 -1.19
C ILE D 69 8.82 -18.68 -0.58
N GLU D 70 9.72 -19.38 -1.25
CA GLU D 70 11.05 -19.56 -0.69
C GLU D 70 11.78 -18.23 -0.70
N ASN D 71 11.60 -17.44 -1.74
CA ASN D 71 12.23 -16.12 -1.84
C ASN D 71 11.74 -15.33 -3.04
N ILE D 72 11.47 -14.05 -2.83
CA ILE D 72 11.01 -13.17 -3.89
C ILE D 72 11.91 -11.95 -3.83
N LYS D 73 12.06 -11.26 -4.95
CA LYS D 73 12.91 -10.09 -5.01
C LYS D 73 12.40 -9.12 -6.07
N PHE D 74 11.96 -7.95 -5.63
CA PHE D 74 11.44 -6.94 -6.54
C PHE D 74 12.53 -5.92 -6.82
N GLN D 75 13.04 -5.91 -8.03
CA GLN D 75 14.12 -4.99 -8.39
C GLN D 75 13.64 -3.74 -9.12
N GLN D 76 12.61 -3.89 -9.93
CA GLN D 76 12.11 -2.75 -10.68
C GLN D 76 10.59 -2.77 -10.73
N PRO D 77 9.96 -1.62 -10.47
CA PRO D 77 8.50 -1.56 -10.49
C PRO D 77 7.99 -1.76 -11.93
N ILE D 78 6.82 -2.35 -12.05
CA ILE D 78 6.21 -2.60 -13.34
C ILE D 78 5.04 -1.62 -13.49
N LEU D 79 5.16 -0.68 -14.43
CA LEU D 79 4.13 0.33 -14.65
C LEU D 79 3.07 -0.11 -15.65
N PRO D 80 1.93 0.57 -15.66
CA PRO D 80 0.84 0.26 -16.58
C PRO D 80 1.31 0.47 -18.01
N GLY D 81 0.94 -0.43 -18.91
CA GLY D 81 1.33 -0.31 -20.31
C GLY D 81 2.68 -0.90 -20.70
N LYS D 82 3.36 -1.60 -19.77
CA LYS D 82 4.66 -2.19 -20.09
C LYS D 82 4.57 -3.58 -20.69
N THR D 83 5.58 -3.94 -21.47
CA THR D 83 5.64 -5.26 -22.09
C THR D 83 6.62 -6.07 -21.26
N LEU D 84 6.23 -7.28 -20.89
CA LEU D 84 7.07 -8.14 -20.04
C LEU D 84 7.36 -9.51 -20.59
N ARG D 85 8.55 -10.02 -20.26
CA ARG D 85 8.91 -11.38 -20.61
C ARG D 85 8.81 -12.12 -19.27
N LEU D 86 8.12 -13.25 -19.27
CA LEU D 86 7.97 -14.05 -18.08
C LEU D 86 8.56 -15.43 -18.34
N VAL D 87 9.59 -15.79 -17.57
CA VAL D 87 10.20 -17.10 -17.72
C VAL D 87 9.90 -17.92 -16.47
N LEU D 88 9.32 -19.10 -16.68
CA LEU D 88 8.98 -20.06 -15.61
C LEU D 88 9.75 -21.36 -15.80
N ILE D 89 10.46 -21.81 -14.76
CA ILE D 89 11.22 -23.06 -14.80
C ILE D 89 10.75 -23.96 -13.66
N TRP D 90 10.26 -25.15 -13.99
CA TRP D 90 9.80 -26.04 -12.93
C TRP D 90 10.54 -27.36 -12.81
N HIS D 91 11.10 -27.57 -11.63
CA HIS D 91 11.86 -28.78 -11.31
C HIS D 91 11.00 -29.64 -10.38
N ALA D 92 10.22 -30.55 -10.95
CA ALA D 92 9.35 -31.43 -10.17
C ALA D 92 10.11 -32.24 -9.11
N GLY D 93 11.41 -32.40 -9.30
CA GLY D 93 12.20 -33.14 -8.34
C GLY D 93 12.20 -32.37 -7.02
N LYS D 94 12.89 -31.23 -7.01
CA LYS D 94 12.98 -30.39 -5.81
C LYS D 94 11.65 -29.68 -5.55
N GLN D 95 10.67 -29.92 -6.41
CA GLN D 95 9.38 -29.27 -6.26
C GLN D 95 9.51 -27.75 -6.16
N SER D 96 10.45 -27.19 -6.95
CA SER D 96 10.70 -25.76 -6.96
C SER D 96 10.36 -25.11 -8.29
N LEU D 97 9.64 -24.00 -8.21
CA LEU D 97 9.25 -23.25 -9.39
C LEU D 97 10.01 -21.95 -9.34
N THR D 98 10.81 -21.71 -10.37
CA THR D 98 11.59 -20.50 -10.47
C THR D 98 10.94 -19.59 -11.53
N PHE D 99 10.82 -18.30 -11.22
CA PHE D 99 10.23 -17.37 -12.17
C PHE D 99 11.07 -16.13 -12.33
N SER D 100 10.88 -15.43 -13.45
CA SER D 100 11.61 -14.21 -13.71
C SER D 100 10.83 -13.27 -14.62
N TYR D 101 10.67 -12.02 -14.19
CA TYR D 101 9.95 -10.99 -14.95
C TYR D 101 10.95 -9.97 -15.46
N SER D 102 10.88 -9.63 -16.73
CA SER D 102 11.76 -8.60 -17.27
C SER D 102 10.96 -7.63 -18.14
N ILE D 103 11.30 -6.35 -18.05
CA ILE D 103 10.64 -5.30 -18.81
C ILE D 103 11.38 -5.03 -20.09
N LEU D 104 10.67 -5.08 -21.23
CA LEU D 104 11.29 -4.81 -22.53
C LEU D 104 10.94 -3.39 -22.97
N GLU D 105 11.97 -2.57 -23.14
CA GLU D 105 11.82 -1.18 -23.60
C GLU D 105 13.00 -0.90 -24.53
N GLY D 106 12.71 -0.37 -25.72
CA GLY D 106 13.80 -0.11 -26.65
C GLY D 106 14.57 -1.39 -26.85
N ASP D 107 15.90 -1.31 -26.75
CA ASP D 107 16.73 -2.50 -26.93
C ASP D 107 17.12 -3.12 -25.60
N THR D 108 16.61 -2.53 -24.53
CA THR D 108 16.92 -3.00 -23.17
C THR D 108 15.94 -4.04 -22.62
N GLU D 109 16.40 -4.75 -21.61
CA GLU D 109 15.61 -5.77 -20.94
C GLU D 109 16.13 -5.83 -19.51
N ARG D 110 15.41 -5.20 -18.58
CA ARG D 110 15.78 -5.19 -17.17
C ARG D 110 14.96 -6.23 -16.39
N THR D 111 15.56 -6.81 -15.35
CA THR D 111 14.83 -7.78 -14.54
C THR D 111 13.96 -6.94 -13.60
N ALA D 112 12.69 -7.28 -13.48
CA ALA D 112 11.80 -6.52 -12.60
C ALA D 112 11.61 -7.24 -11.27
N SER D 113 11.53 -8.56 -11.35
CA SER D 113 11.36 -9.36 -10.14
C SER D 113 11.67 -10.80 -10.48
N SER D 114 12.02 -11.59 -9.47
CA SER D 114 12.33 -12.99 -9.65
C SER D 114 12.16 -13.68 -8.32
N GLY D 115 12.09 -15.01 -8.34
CA GLY D 115 11.94 -15.70 -7.08
C GLY D 115 11.76 -17.18 -7.21
N LYS D 116 11.75 -17.86 -6.06
CA LYS D 116 11.57 -19.31 -6.03
C LYS D 116 10.37 -19.62 -5.16
N ILE D 117 9.50 -20.48 -5.66
CA ILE D 117 8.30 -20.86 -4.95
C ILE D 117 8.26 -22.38 -4.79
N LYS D 118 7.77 -22.85 -3.65
CA LYS D 118 7.66 -24.28 -3.41
C LYS D 118 6.21 -24.64 -3.70
N LEU D 119 5.99 -25.74 -4.41
CA LEU D 119 4.63 -26.19 -4.71
C LEU D 119 4.42 -27.58 -4.09
N THR D 120 3.16 -28.02 -3.98
CA THR D 120 2.86 -29.32 -3.41
C THR D 120 1.77 -30.03 -4.22
N PRO D 121 1.81 -31.37 -4.25
CA PRO D 121 0.77 -32.09 -5.00
C PRO D 121 -0.62 -31.72 -4.49
N ILE D 122 -1.59 -31.69 -5.38
CA ILE D 122 -2.97 -31.37 -5.02
C ILE D 122 -3.63 -32.60 -4.42
N MET D 123 -4.31 -32.42 -3.30
CA MET D 123 -4.97 -33.53 -2.62
C MET D 123 -3.92 -34.60 -2.29
N GLU D 124 -2.66 -34.19 -2.15
CA GLU D 124 -1.56 -35.12 -1.87
C GLU D 124 -1.83 -35.95 -0.63
#